data_8VQ1
#
_entry.id   8VQ1
#
_cell.length_a   72.136
_cell.length_b   59.758
_cell.length_c   56.110
_cell.angle_alpha   90.000
_cell.angle_beta   115.883
_cell.angle_gamma   90.000
#
_symmetry.space_group_name_H-M   'C 1 2 1'
#
loop_
_entity.id
_entity.type
_entity.pdbx_description
1 polymer 'Isonitrile hydratase InhA'
2 non-polymer N-(4-nitrophenyl)methanimine
3 non-polymer 'CHLORIDE ION'
4 water water
#
_entity_poly.entity_id   1
_entity_poly.type   'polypeptide(L)'
_entity_poly.pdbx_seq_one_letter_code
;GSHMAVQIGFLLFPEVQQLDLTGPHDVLASLPDVQVHLIWKEPGPVVASSGLVLQATTSFADCPPLDVICIPGGTGVGAL
MEDPQALAFIRQQAARARYVTSVCTGSLVLGAAGLLQGKRATTHWAYHELLAPLGAIPVHERVVRDGNLLTGTGITAGID
FALTLAAELFDAATAQRVQLQLEYAPAPPFNAGSPDTAPASVVQQARQRAADSLHKRREITLRAAARLAAG
;
_entity_poly.pdbx_strand_id   A
#
# COMPACT_ATOMS: atom_id res chain seq x y z
N ALA A 5 17.84 -2.94 -15.75
CA ALA A 5 17.13 -3.51 -14.62
C ALA A 5 15.92 -2.66 -14.25
N VAL A 6 14.75 -3.31 -14.15
CA VAL A 6 13.56 -2.64 -13.64
C VAL A 6 13.80 -2.24 -12.20
N GLN A 7 13.51 -0.98 -11.87
CA GLN A 7 13.76 -0.45 -10.53
C GLN A 7 12.44 -0.39 -9.77
N ILE A 8 12.34 -1.13 -8.69
CA ILE A 8 11.12 -1.21 -7.89
C ILE A 8 11.44 -0.71 -6.50
N GLY A 9 10.63 0.21 -5.99
CA GLY A 9 10.86 0.76 -4.67
C GLY A 9 9.66 0.65 -3.76
N PHE A 10 9.92 0.28 -2.51
CA PHE A 10 8.94 0.25 -1.45
C PHE A 10 9.32 1.30 -0.42
N LEU A 11 8.35 2.10 0.01
CA LEU A 11 8.57 3.01 1.14
C LEU A 11 8.52 2.21 2.43
N LEU A 12 9.56 2.32 3.26
CA LEU A 12 9.67 1.59 4.51
C LEU A 12 9.72 2.62 5.63
N PHE A 13 8.71 2.65 6.48
CA PHE A 13 8.58 3.69 7.49
C PHE A 13 8.27 3.09 8.84
N PRO A 14 8.56 3.82 9.93
CA PRO A 14 8.26 3.29 11.25
C PRO A 14 6.78 2.97 11.39
N GLU A 15 6.50 1.83 12.01
N GLU A 15 6.49 1.85 12.02
CA GLU A 15 5.14 1.37 12.28
CA GLU A 15 5.11 1.41 12.27
C GLU A 15 4.41 0.89 11.03
C GLU A 15 4.40 1.02 10.98
N VAL A 16 5.15 0.59 9.97
CA VAL A 16 4.56 -0.05 8.79
C VAL A 16 3.94 -1.38 9.17
N GLN A 17 2.92 -1.79 8.42
CA GLN A 17 2.41 -3.16 8.48
C GLN A 17 3.33 -3.99 7.59
N GLN A 18 4.23 -4.77 8.19
N GLN A 18 4.21 -4.77 8.22
CA GLN A 18 5.33 -5.29 7.38
CA GLN A 18 5.32 -5.39 7.49
C GLN A 18 4.84 -6.24 6.28
C GLN A 18 4.81 -6.18 6.29
N LEU A 19 3.74 -6.96 6.48
CA LEU A 19 3.32 -7.89 5.44
C LEU A 19 2.89 -7.18 4.17
N ASP A 20 2.39 -5.95 4.31
CA ASP A 20 2.03 -5.16 3.12
C ASP A 20 3.21 -5.04 2.17
N LEU A 21 4.43 -4.99 2.72
CA LEU A 21 5.69 -4.85 2.00
C LEU A 21 6.36 -6.18 1.71
N THR A 22 6.47 -7.05 2.69
CA THR A 22 7.29 -8.25 2.53
C THR A 22 6.65 -9.26 1.57
N GLY A 23 5.33 -9.22 1.43
CA GLY A 23 4.64 -10.07 0.47
C GLY A 23 5.07 -9.78 -0.96
N PRO A 24 4.77 -8.57 -1.45
CA PRO A 24 5.16 -8.25 -2.83
C PRO A 24 6.67 -8.23 -3.01
N HIS A 25 7.43 -7.91 -1.97
CA HIS A 25 8.88 -7.90 -2.10
C HIS A 25 9.39 -9.27 -2.52
N ASP A 26 8.94 -10.33 -1.85
CA ASP A 26 9.44 -11.67 -2.16
C ASP A 26 9.02 -12.12 -3.57
N VAL A 27 7.82 -11.75 -4.00
CA VAL A 27 7.37 -12.10 -5.34
C VAL A 27 8.19 -11.37 -6.39
N LEU A 28 8.30 -10.04 -6.25
CA LEU A 28 8.98 -9.24 -7.28
C LEU A 28 10.47 -9.53 -7.30
N ALA A 29 11.05 -9.84 -6.15
CA ALA A 29 12.46 -10.21 -6.10
C ALA A 29 12.72 -11.56 -6.76
N SER A 30 11.68 -12.32 -7.08
CA SER A 30 11.82 -13.56 -7.82
C SER A 30 12.00 -13.35 -9.32
N LEU A 31 11.78 -12.15 -9.82
CA LEU A 31 11.78 -11.91 -11.25
C LEU A 31 13.19 -11.63 -11.74
N PRO A 32 13.45 -11.88 -13.02
CA PRO A 32 14.77 -11.56 -13.58
C PRO A 32 14.90 -10.08 -13.84
N ASP A 33 16.10 -9.57 -13.65
CA ASP A 33 16.43 -8.21 -14.08
C ASP A 33 15.59 -7.17 -13.35
N VAL A 34 15.37 -7.38 -12.06
CA VAL A 34 14.73 -6.40 -11.20
C VAL A 34 15.65 -6.07 -10.05
N GLN A 35 15.65 -4.81 -9.64
CA GLN A 35 16.34 -4.35 -8.45
C GLN A 35 15.27 -3.76 -7.53
N VAL A 36 15.25 -4.21 -6.28
CA VAL A 36 14.24 -3.79 -5.31
C VAL A 36 14.92 -2.97 -4.23
N HIS A 37 14.35 -1.80 -3.95
CA HIS A 37 14.85 -0.87 -2.95
C HIS A 37 13.85 -0.72 -1.82
N LEU A 38 14.36 -0.66 -0.59
N LEU A 38 14.38 -0.61 -0.60
CA LEU A 38 13.58 -0.27 0.58
CA LEU A 38 13.59 -0.28 0.59
C LEU A 38 14.02 1.13 0.95
C LEU A 38 14.01 1.13 1.02
N ILE A 39 13.11 2.08 0.87
CA ILE A 39 13.44 3.50 0.88
C ILE A 39 12.96 4.15 2.17
N TRP A 40 13.85 4.88 2.83
CA TRP A 40 13.48 5.76 3.93
C TRP A 40 14.40 6.97 3.88
N LYS A 41 14.32 7.80 4.91
CA LYS A 41 15.11 9.04 4.89
C LYS A 41 16.61 8.74 4.92
N GLU A 42 17.01 7.65 5.56
CA GLU A 42 18.39 7.18 5.52
C GLU A 42 18.37 5.67 5.59
N PRO A 43 19.40 5.00 5.07
CA PRO A 43 19.50 3.56 5.27
C PRO A 43 19.63 3.26 6.76
N GLY A 44 19.17 2.07 7.15
CA GLY A 44 19.27 1.65 8.52
C GLY A 44 17.99 1.01 9.02
N PRO A 45 17.97 0.68 10.32
N PRO A 45 18.00 0.64 10.31
CA PRO A 45 16.86 -0.10 10.85
CA PRO A 45 16.85 -0.08 10.87
C PRO A 45 15.57 0.70 10.97
C PRO A 45 15.58 0.75 10.84
N VAL A 46 14.47 0.07 10.56
CA VAL A 46 13.13 0.64 10.66
C VAL A 46 12.26 -0.43 11.30
N VAL A 47 11.51 -0.06 12.32
CA VAL A 47 10.73 -1.03 13.11
C VAL A 47 9.28 -1.02 12.63
N ALA A 48 8.78 -2.19 12.28
CA ALA A 48 7.40 -2.38 11.89
C ALA A 48 6.49 -2.38 13.11
N SER A 49 5.18 -2.27 12.85
CA SER A 49 4.24 -2.15 13.96
C SER A 49 4.24 -3.38 14.86
N SER A 50 4.64 -4.54 14.34
CA SER A 50 4.70 -5.76 15.13
C SER A 50 5.96 -5.87 15.96
N GLY A 51 6.91 -4.98 15.78
CA GLY A 51 8.21 -5.09 16.42
C GLY A 51 9.29 -5.70 15.54
N LEU A 52 8.91 -6.30 14.41
N LEU A 52 8.92 -6.24 14.38
CA LEU A 52 9.89 -6.82 13.47
CA LEU A 52 9.91 -6.84 13.49
C LEU A 52 10.77 -5.67 12.99
C LEU A 52 10.77 -5.75 12.85
N VAL A 53 12.09 -5.89 12.97
CA VAL A 53 13.03 -4.89 12.51
C VAL A 53 13.46 -5.19 11.09
N LEU A 54 13.24 -4.24 10.20
CA LEU A 54 13.66 -4.29 8.81
C LEU A 54 14.78 -3.28 8.60
N GLN A 55 15.46 -3.36 7.45
N GLN A 55 15.38 -3.30 7.41
CA GLN A 55 16.52 -2.44 7.10
CA GLN A 55 16.53 -2.46 7.09
C GLN A 55 16.18 -1.73 5.81
C GLN A 55 16.27 -1.73 5.78
N ALA A 56 16.20 -0.41 5.85
CA ALA A 56 16.13 0.38 4.64
C ALA A 56 17.48 0.37 3.94
N THR A 57 17.44 0.28 2.62
CA THR A 57 18.63 0.15 1.78
C THR A 57 19.06 1.44 1.12
N THR A 58 18.18 2.42 1.01
CA THR A 58 18.55 3.65 0.34
C THR A 58 17.75 4.81 0.88
N SER A 59 18.31 6.00 0.69
CA SER A 59 17.69 7.23 1.14
C SER A 59 16.87 7.84 0.01
N PHE A 60 16.08 8.84 0.36
CA PHE A 60 15.35 9.60 -0.66
C PHE A 60 16.32 10.18 -1.68
N ALA A 61 17.43 10.77 -1.21
CA ALA A 61 18.31 11.50 -2.11
C ALA A 61 19.05 10.57 -3.05
N ASP A 62 19.34 9.35 -2.61
CA ASP A 62 20.13 8.41 -3.38
C ASP A 62 19.28 7.46 -4.22
N CYS A 63 17.98 7.49 -4.07
CA CYS A 63 17.14 6.51 -4.75
C CYS A 63 17.16 6.78 -6.25
N PRO A 64 17.34 5.77 -7.09
CA PRO A 64 17.28 5.99 -8.53
C PRO A 64 15.86 6.24 -8.98
N PRO A 65 15.66 6.75 -10.19
CA PRO A 65 14.30 6.88 -10.71
C PRO A 65 13.65 5.50 -10.77
N LEU A 66 12.44 5.40 -10.24
CA LEU A 66 11.78 4.12 -10.08
C LEU A 66 10.83 3.87 -11.24
N ASP A 67 10.74 2.60 -11.65
CA ASP A 67 9.71 2.16 -12.57
C ASP A 67 8.42 1.81 -11.86
N VAL A 68 8.51 1.32 -10.62
CA VAL A 68 7.37 0.96 -9.81
C VAL A 68 7.65 1.51 -8.41
N ILE A 69 6.68 2.20 -7.85
CA ILE A 69 6.74 2.61 -6.45
C ILE A 69 5.53 2.00 -5.74
N CYS A 70 5.76 1.46 -4.56
N CYS A 70 5.76 1.49 -4.53
CA CYS A 70 4.72 0.82 -3.77
CA CYS A 70 4.73 0.80 -3.77
C CYS A 70 4.73 1.41 -2.37
C CYS A 70 4.72 1.36 -2.35
N ILE A 71 3.55 1.86 -1.92
CA ILE A 71 3.38 2.42 -0.60
C ILE A 71 2.60 1.42 0.26
N PRO A 72 3.24 0.80 1.25
CA PRO A 72 2.49 -0.05 2.19
C PRO A 72 1.70 0.78 3.18
N GLY A 73 0.82 0.10 3.90
CA GLY A 73 0.04 0.72 4.96
C GLY A 73 0.56 0.43 6.34
N GLY A 74 -0.31 0.63 7.33
CA GLY A 74 0.00 0.38 8.72
C GLY A 74 -0.27 1.59 9.59
N THR A 75 -0.09 1.40 10.89
N THR A 75 -0.11 1.37 10.89
CA THR A 75 -0.40 2.48 11.82
CA THR A 75 -0.32 2.44 11.86
C THR A 75 0.55 3.66 11.67
C THR A 75 0.47 3.68 11.49
N GLY A 76 1.70 3.49 11.01
CA GLY A 76 2.58 4.62 10.73
C GLY A 76 2.14 5.55 9.63
N VAL A 77 1.04 5.22 8.94
N VAL A 77 1.06 5.24 8.90
CA VAL A 77 0.52 6.05 7.85
CA VAL A 77 0.68 6.14 7.82
C VAL A 77 0.13 7.43 8.34
C VAL A 77 0.24 7.49 8.37
N GLY A 78 -0.30 7.54 9.59
CA GLY A 78 -0.77 8.84 10.09
C GLY A 78 0.33 9.87 10.12
N ALA A 79 1.52 9.50 10.58
CA ALA A 79 2.66 10.41 10.56
C ALA A 79 3.07 10.75 9.13
N LEU A 80 3.05 9.76 8.23
CA LEU A 80 3.49 9.97 6.86
C LEU A 80 2.58 10.95 6.13
N MET A 81 1.31 10.98 6.47
CA MET A 81 0.37 11.87 5.79
C MET A 81 0.66 13.33 6.04
N GLU A 82 1.54 13.64 7.01
CA GLU A 82 1.93 15.02 7.28
C GLU A 82 3.44 15.17 7.28
N ASP A 83 4.14 14.32 6.55
CA ASP A 83 5.59 14.38 6.43
C ASP A 83 5.92 15.02 5.08
N PRO A 84 6.27 16.30 5.04
CA PRO A 84 6.47 16.95 3.73
C PRO A 84 7.59 16.34 2.93
N GLN A 85 8.63 15.83 3.58
CA GLN A 85 9.74 15.23 2.85
C GLN A 85 9.28 13.95 2.15
N ALA A 86 8.57 13.08 2.86
CA ALA A 86 8.09 11.84 2.25
C ALA A 86 7.09 12.15 1.13
N LEU A 87 6.18 13.09 1.36
CA LEU A 87 5.18 13.36 0.34
C LEU A 87 5.81 13.92 -0.92
N ALA A 88 6.83 14.77 -0.77
CA ALA A 88 7.51 15.32 -1.94
C ALA A 88 8.23 14.24 -2.72
N PHE A 89 8.88 13.31 -2.01
CA PHE A 89 9.55 12.19 -2.68
C PHE A 89 8.56 11.36 -3.47
N ILE A 90 7.40 11.05 -2.88
CA ILE A 90 6.40 10.24 -3.57
C ILE A 90 5.93 10.94 -4.83
N ARG A 91 5.65 12.25 -4.73
CA ARG A 91 5.22 13.00 -5.90
C ARG A 91 6.28 12.99 -6.99
N GLN A 92 7.54 13.17 -6.61
CA GLN A 92 8.62 13.19 -7.60
C GLN A 92 8.72 11.86 -8.32
N GLN A 93 8.67 10.75 -7.58
CA GLN A 93 8.80 9.44 -8.20
C GLN A 93 7.57 9.08 -9.02
N ALA A 94 6.38 9.45 -8.55
CA ALA A 94 5.17 9.11 -9.28
C ALA A 94 5.09 9.79 -10.63
N ALA A 95 5.75 10.93 -10.79
CA ALA A 95 5.65 11.69 -12.04
C ALA A 95 6.10 10.85 -13.23
N ARG A 96 7.13 10.02 -13.05
CA ARG A 96 7.72 9.26 -14.14
C ARG A 96 7.59 7.76 -13.98
N ALA A 97 7.06 7.28 -12.86
CA ALA A 97 6.94 5.84 -12.66
C ALA A 97 5.95 5.24 -13.64
N ARG A 98 6.23 4.01 -14.07
N ARG A 98 6.23 4.02 -14.09
CA ARG A 98 5.28 3.28 -14.89
CA ARG A 98 5.27 3.33 -14.93
C ARG A 98 4.09 2.84 -14.08
C ARG A 98 4.07 2.84 -14.14
N TYR A 99 4.30 2.43 -12.82
N TYR A 99 4.23 2.63 -12.83
CA TYR A 99 3.23 1.97 -11.95
CA TYR A 99 3.13 2.20 -11.98
C TYR A 99 3.37 2.63 -10.59
C TYR A 99 3.30 2.81 -10.60
N VAL A 100 2.28 3.19 -10.10
N VAL A 100 2.19 3.22 -10.00
CA VAL A 100 2.17 3.72 -8.75
CA VAL A 100 2.15 3.80 -8.67
C VAL A 100 1.17 2.82 -8.02
C VAL A 100 1.12 3.00 -7.88
N THR A 101 1.58 2.24 -6.89
CA THR A 101 0.74 1.26 -6.21
C THR A 101 0.75 1.48 -4.71
N SER A 102 -0.31 1.00 -4.08
CA SER A 102 -0.40 1.01 -2.63
C SER A 102 -1.21 -0.18 -2.13
N VAL A 103 -1.00 -0.51 -0.87
CA VAL A 103 -1.68 -1.61 -0.17
C VAL A 103 -2.33 -1.03 1.06
N CYS A 104 -3.57 -1.43 1.34
N CYS A 104 -3.57 -1.45 1.33
CA CYS A 104 -4.22 -1.14 2.63
CA CYS A 104 -4.27 -1.11 2.58
C CYS A 104 -4.28 0.38 2.80
C CYS A 104 -4.25 0.40 2.77
N THR A 105 -3.90 0.92 3.96
CA THR A 105 -3.96 2.35 4.20
C THR A 105 -2.87 3.13 3.51
N GLY A 106 -1.98 2.47 2.76
CA GLY A 106 -1.02 3.19 1.94
C GLY A 106 -1.66 4.15 0.97
N SER A 107 -2.89 3.87 0.53
CA SER A 107 -3.56 4.78 -0.38
C SER A 107 -3.88 6.13 0.28
N LEU A 108 -3.98 6.18 1.62
CA LEU A 108 -4.19 7.45 2.27
C LEU A 108 -2.96 8.34 2.14
N VAL A 109 -1.77 7.73 2.07
CA VAL A 109 -0.55 8.49 1.83
C VAL A 109 -0.54 9.06 0.41
N LEU A 110 -0.90 8.23 -0.59
CA LEU A 110 -1.05 8.74 -1.94
C LEU A 110 -2.05 9.88 -1.96
N GLY A 111 -3.12 9.75 -1.19
CA GLY A 111 -4.11 10.82 -1.11
C GLY A 111 -3.54 12.10 -0.55
N ALA A 112 -2.82 12.00 0.57
CA ALA A 112 -2.21 13.19 1.15
C ALA A 112 -1.20 13.83 0.22
N ALA A 113 -0.58 13.05 -0.66
CA ALA A 113 0.37 13.60 -1.64
C ALA A 113 -0.33 14.26 -2.82
N GLY A 114 -1.65 14.16 -2.93
CA GLY A 114 -2.39 14.74 -4.01
C GLY A 114 -2.58 13.84 -5.21
N LEU A 115 -2.16 12.57 -5.11
CA LEU A 115 -2.12 11.70 -6.27
C LEU A 115 -3.43 10.96 -6.52
N LEU A 116 -4.44 11.15 -5.67
CA LEU A 116 -5.75 10.53 -5.88
C LEU A 116 -6.81 11.50 -6.35
N GLN A 117 -6.48 12.74 -6.59
CA GLN A 117 -7.50 13.71 -6.98
C GLN A 117 -8.10 13.30 -8.32
N GLY A 118 -9.41 13.05 -8.31
CA GLY A 118 -10.12 12.63 -9.51
C GLY A 118 -9.91 11.18 -9.90
N LYS A 119 -9.29 10.37 -9.04
CA LYS A 119 -8.95 9.00 -9.38
C LYS A 119 -9.81 8.03 -8.57
N ARG A 120 -10.16 6.92 -9.18
N ARG A 120 -10.16 6.91 -9.18
CA ARG A 120 -10.80 5.82 -8.48
CA ARG A 120 -10.83 5.82 -8.46
C ARG A 120 -9.77 5.14 -7.59
C ARG A 120 -9.81 5.07 -7.62
N ALA A 121 -10.16 4.82 -6.36
CA ALA A 121 -9.25 4.20 -5.41
C ALA A 121 -10.00 3.49 -4.31
N THR A 122 -9.30 2.56 -3.66
CA THR A 122 -9.80 1.89 -2.47
C THR A 122 -8.77 2.01 -1.34
N THR A 123 -9.17 1.56 -0.16
CA THR A 123 -8.32 1.49 1.02
C THR A 123 -8.94 0.48 1.96
N HIS A 124 -8.28 0.28 3.11
CA HIS A 124 -8.81 -0.61 4.14
C HIS A 124 -10.25 -0.24 4.52
N TRP A 125 -11.09 -1.27 4.70
CA TRP A 125 -12.52 -1.05 4.85
C TRP A 125 -12.86 -0.10 6.00
N ALA A 126 -12.10 -0.14 7.09
CA ALA A 126 -12.44 0.67 8.25
C ALA A 126 -12.12 2.14 8.05
N TYR A 127 -11.33 2.47 7.04
N TYR A 127 -11.33 2.49 7.04
CA TYR A 127 -10.87 3.84 6.77
CA TYR A 127 -10.91 3.86 6.80
C TYR A 127 -11.41 4.38 5.46
C TYR A 127 -11.42 4.39 5.46
N HIS A 128 -12.35 3.66 4.82
CA HIS A 128 -12.75 4.00 3.46
C HIS A 128 -13.36 5.38 3.34
N GLU A 129 -14.02 5.87 4.39
CA GLU A 129 -14.65 7.18 4.37
C GLU A 129 -13.63 8.32 4.24
N LEU A 130 -12.35 8.05 4.40
CA LEU A 130 -11.35 9.10 4.32
C LEU A 130 -10.84 9.36 2.90
N LEU A 131 -11.27 8.55 1.93
CA LEU A 131 -10.82 8.77 0.55
C LEU A 131 -11.44 10.02 -0.08
N ALA A 132 -12.74 10.23 0.14
CA ALA A 132 -13.41 11.35 -0.53
C ALA A 132 -12.84 12.70 -0.15
N PRO A 133 -12.52 13.00 1.12
CA PRO A 133 -11.92 14.31 1.43
C PRO A 133 -10.58 14.52 0.76
N LEU A 134 -9.90 13.46 0.35
CA LEU A 134 -8.63 13.57 -0.36
C LEU A 134 -8.80 13.65 -1.88
N GLY A 135 -10.04 13.78 -2.36
CA GLY A 135 -10.31 14.03 -3.76
C GLY A 135 -10.58 12.78 -4.59
N ALA A 136 -10.54 11.60 -3.97
CA ALA A 136 -10.69 10.37 -4.70
C ALA A 136 -12.16 10.07 -4.97
N ILE A 137 -12.38 9.19 -5.94
CA ILE A 137 -13.65 8.53 -6.16
C ILE A 137 -13.61 7.19 -5.43
N PRO A 138 -14.26 7.04 -4.28
CA PRO A 138 -14.09 5.79 -3.53
C PRO A 138 -14.78 4.63 -4.23
N VAL A 139 -14.10 3.49 -4.28
CA VAL A 139 -14.60 2.28 -4.92
C VAL A 139 -14.44 1.13 -3.93
N HIS A 140 -15.51 0.36 -3.74
CA HIS A 140 -15.50 -0.78 -2.82
C HIS A 140 -15.19 -2.06 -3.62
N GLU A 141 -13.93 -2.17 -4.01
N GLU A 141 -13.94 -2.14 -4.07
CA GLU A 141 -13.42 -3.35 -4.69
CA GLU A 141 -13.41 -3.33 -4.70
C GLU A 141 -12.00 -3.61 -4.17
C GLU A 141 -12.04 -3.59 -4.09
N ARG A 142 -11.57 -4.88 -4.29
N ARG A 142 -11.57 -4.83 -4.22
CA ARG A 142 -10.33 -5.31 -3.64
CA ARG A 142 -10.31 -5.19 -3.57
C ARG A 142 -9.10 -4.74 -4.32
C ARG A 142 -9.10 -4.62 -4.30
N VAL A 143 -9.13 -4.59 -5.63
CA VAL A 143 -8.06 -3.99 -6.41
C VAL A 143 -8.72 -3.03 -7.39
N VAL A 144 -8.25 -1.79 -7.42
CA VAL A 144 -8.81 -0.74 -8.24
C VAL A 144 -7.69 -0.17 -9.10
N ARG A 145 -7.91 -0.11 -10.40
N ARG A 145 -7.90 -0.18 -10.41
CA ARG A 145 -6.91 0.37 -11.34
CA ARG A 145 -6.94 0.39 -11.34
C ARG A 145 -7.45 1.57 -12.10
C ARG A 145 -7.54 1.65 -11.95
N ASP A 146 -6.72 2.68 -12.05
CA ASP A 146 -7.10 3.92 -12.75
C ASP A 146 -5.83 4.40 -13.43
N GLY A 147 -5.73 4.13 -14.73
CA GLY A 147 -4.51 4.44 -15.44
C GLY A 147 -3.37 3.60 -14.93
N ASN A 148 -2.29 4.24 -14.50
CA ASN A 148 -1.13 3.57 -13.94
C ASN A 148 -1.16 3.48 -12.41
N LEU A 149 -2.28 3.82 -11.80
CA LEU A 149 -2.47 3.74 -10.36
C LEU A 149 -3.20 2.46 -10.03
N LEU A 150 -2.62 1.65 -9.14
N LEU A 150 -2.70 1.74 -9.02
CA LEU A 150 -3.28 0.48 -8.59
CA LEU A 150 -3.27 0.47 -8.60
C LEU A 150 -3.33 0.64 -7.07
C LEU A 150 -3.31 0.48 -7.08
N THR A 151 -4.51 0.56 -6.50
CA THR A 151 -4.69 0.51 -5.05
C THR A 151 -5.39 -0.80 -4.71
N GLY A 152 -4.94 -1.44 -3.63
N GLY A 152 -4.93 -1.43 -3.62
CA GLY A 152 -5.46 -2.72 -3.24
CA GLY A 152 -5.45 -2.73 -3.24
C GLY A 152 -5.67 -2.79 -1.74
C GLY A 152 -5.65 -2.82 -1.74
N THR A 153 -6.54 -3.73 -1.35
CA THR A 153 -6.91 -3.96 0.02
C THR A 153 -6.63 -5.41 0.35
N GLY A 154 -6.21 -5.67 1.59
N GLY A 154 -6.38 -5.66 1.63
CA GLY A 154 -5.98 -7.02 2.05
CA GLY A 154 -5.98 -6.97 2.06
C GLY A 154 -4.50 -7.40 2.03
C GLY A 154 -4.50 -6.94 2.32
N ILE A 155 -4.16 -8.41 2.84
N ILE A 155 -4.10 -7.40 3.47
CA ILE A 155 -2.76 -8.75 3.04
CA ILE A 155 -2.70 -7.38 3.86
C ILE A 155 -2.14 -9.56 1.93
C ILE A 155 -1.83 -8.07 2.81
N THR A 156 -2.92 -9.99 0.93
N THR A 156 -2.42 -8.93 1.98
CA THR A 156 -2.33 -10.57 -0.28
CA THR A 156 -1.70 -9.62 0.91
C THR A 156 -2.52 -9.68 -1.51
C THR A 156 -2.06 -9.11 -0.49
N ALA A 157 -3.12 -8.50 -1.35
N ALA A 157 -2.69 -7.93 -0.58
CA ALA A 157 -3.36 -7.65 -2.51
CA ALA A 157 -3.02 -7.37 -1.88
C ALA A 157 -2.05 -7.29 -3.19
C ALA A 157 -1.80 -7.28 -2.78
N GLY A 158 -1.01 -7.02 -2.41
N GLY A 158 -0.63 -6.99 -2.21
CA GLY A 158 0.29 -6.72 -3.00
CA GLY A 158 0.55 -6.75 -3.01
C GLY A 158 0.92 -7.92 -3.67
C GLY A 158 1.10 -7.99 -3.69
N ILE A 159 0.66 -9.12 -3.15
N ILE A 159 0.89 -9.16 -3.08
CA ILE A 159 1.06 -10.34 -3.83
CA ILE A 159 1.26 -10.41 -3.74
C ILE A 159 0.27 -10.51 -5.12
C ILE A 159 0.52 -10.54 -5.06
N ASP A 160 -1.06 -10.31 -5.04
N ASP A 160 -0.80 -10.35 -5.01
CA ASP A 160 -1.90 -10.50 -6.21
CA ASP A 160 -1.64 -10.55 -6.19
C ASP A 160 -1.58 -9.50 -7.30
C ASP A 160 -1.29 -9.52 -7.27
N PHE A 161 -1.38 -8.24 -6.94
CA PHE A 161 -1.07 -7.25 -7.97
C PHE A 161 0.39 -7.35 -8.44
N ALA A 162 1.28 -7.92 -7.62
CA ALA A 162 2.66 -8.16 -8.07
C ALA A 162 2.69 -9.17 -9.22
N LEU A 163 1.79 -10.16 -9.20
CA LEU A 163 1.72 -11.08 -10.32
C LEU A 163 1.18 -10.38 -11.56
N THR A 164 0.20 -9.47 -11.39
CA THR A 164 -0.25 -8.67 -12.51
C THR A 164 0.89 -7.84 -13.10
N LEU A 165 1.68 -7.19 -12.23
N LEU A 165 1.65 -7.18 -12.22
CA LEU A 165 2.78 -6.38 -12.74
CA LEU A 165 2.80 -6.40 -12.67
C LEU A 165 3.84 -7.24 -13.41
C LEU A 165 3.76 -7.28 -13.45
N ALA A 166 4.06 -8.47 -12.92
CA ALA A 166 5.00 -9.36 -13.59
C ALA A 166 4.54 -9.70 -14.99
N ALA A 167 3.23 -9.89 -15.17
CA ALA A 167 2.71 -10.24 -16.49
C ALA A 167 2.80 -9.08 -17.49
N GLU A 168 2.64 -7.84 -17.00
N GLU A 168 2.68 -7.84 -17.00
CA GLU A 168 2.73 -6.69 -17.89
CA GLU A 168 2.71 -6.66 -17.86
C GLU A 168 4.18 -6.30 -18.15
C GLU A 168 4.12 -6.12 -18.07
N LEU A 169 5.04 -6.36 -17.13
CA LEU A 169 6.43 -5.99 -17.32
C LEU A 169 7.18 -7.04 -18.13
N PHE A 170 6.77 -8.31 -18.03
CA PHE A 170 7.45 -9.39 -18.72
C PHE A 170 6.42 -10.07 -19.62
N ASP A 171 5.81 -11.16 -19.19
CA ASP A 171 4.72 -11.79 -19.94
C ASP A 171 3.95 -12.71 -18.99
N ALA A 172 2.82 -13.22 -19.48
CA ALA A 172 1.97 -14.06 -18.65
C ALA A 172 2.68 -15.34 -18.21
N ALA A 173 3.46 -15.95 -19.09
CA ALA A 173 4.14 -17.19 -18.72
C ALA A 173 5.12 -16.95 -17.58
N THR A 174 5.76 -15.79 -17.54
CA THR A 174 6.66 -15.49 -16.44
C THR A 174 5.90 -15.36 -15.12
N ALA A 175 4.77 -14.64 -15.14
CA ALA A 175 3.98 -14.51 -13.94
C ALA A 175 3.48 -15.87 -13.46
N GLN A 176 3.05 -16.73 -14.39
CA GLN A 176 2.57 -18.05 -14.01
C GLN A 176 3.69 -18.91 -13.44
N ARG A 177 4.90 -18.78 -14.01
CA ARG A 177 6.03 -19.54 -13.50
C ARG A 177 6.35 -19.13 -12.06
N VAL A 178 6.35 -17.83 -11.77
CA VAL A 178 6.59 -17.38 -10.41
C VAL A 178 5.52 -17.89 -9.46
N GLN A 179 4.25 -17.82 -9.87
CA GLN A 179 3.19 -18.34 -9.02
C GLN A 179 3.40 -19.82 -8.72
N LEU A 180 3.80 -20.60 -9.72
CA LEU A 180 4.02 -22.02 -9.50
C LEU A 180 5.24 -22.26 -8.62
N GLN A 181 6.32 -21.52 -8.84
CA GLN A 181 7.50 -21.68 -7.99
C GLN A 181 7.16 -21.41 -6.53
N LEU A 182 6.28 -20.46 -6.26
CA LEU A 182 5.88 -20.14 -4.90
C LEU A 182 4.70 -20.97 -4.42
N GLU A 183 4.16 -21.83 -5.28
CA GLU A 183 3.04 -22.72 -4.97
C GLU A 183 1.88 -21.93 -4.36
N TYR A 184 1.59 -20.78 -4.97
CA TYR A 184 0.65 -19.81 -4.41
C TYR A 184 -0.77 -20.18 -4.83
N ALA A 185 -1.53 -20.75 -3.91
CA ALA A 185 -2.90 -21.18 -4.16
C ALA A 185 -3.65 -21.08 -2.85
N PRO A 186 -4.03 -19.87 -2.43
CA PRO A 186 -4.54 -19.66 -1.08
C PRO A 186 -5.89 -20.34 -0.86
N ALA A 187 -6.14 -20.69 0.40
CA ALA A 187 -7.39 -21.33 0.79
C ALA A 187 -7.62 -21.04 2.26
N PRO A 188 -8.14 -19.86 2.58
CA PRO A 188 -8.29 -19.49 3.99
C PRO A 188 -9.31 -20.39 4.68
N PRO A 189 -9.09 -20.69 5.96
CA PRO A 189 -10.02 -21.58 6.68
C PRO A 189 -11.29 -20.88 7.14
N PHE A 190 -11.37 -19.56 7.06
CA PHE A 190 -12.57 -18.81 7.40
C PHE A 190 -12.84 -17.86 6.24
N ASN A 191 -14.06 -17.32 6.22
CA ASN A 191 -14.54 -16.43 5.17
C ASN A 191 -14.94 -15.09 5.73
N ALA A 192 -14.17 -14.56 6.68
CA ALA A 192 -14.47 -13.32 7.36
C ALA A 192 -13.56 -12.16 6.95
N GLY A 193 -13.04 -12.18 5.73
CA GLY A 193 -12.11 -11.16 5.30
C GLY A 193 -12.72 -9.91 4.73
N SER A 194 -14.03 -9.75 4.80
CA SER A 194 -14.71 -8.56 4.33
C SER A 194 -15.86 -8.28 5.29
N PRO A 195 -16.18 -7.01 5.52
CA PRO A 195 -17.34 -6.72 6.38
C PRO A 195 -18.65 -7.25 5.83
N ASP A 196 -18.71 -7.59 4.54
CA ASP A 196 -19.92 -8.13 3.95
C ASP A 196 -20.05 -9.64 4.13
N THR A 197 -18.98 -10.34 4.52
CA THR A 197 -19.04 -11.77 4.75
C THR A 197 -18.79 -12.18 6.20
N ALA A 198 -18.22 -11.32 7.02
CA ALA A 198 -17.98 -11.66 8.40
C ALA A 198 -19.27 -11.58 9.20
N PRO A 199 -19.36 -12.33 10.30
CA PRO A 199 -20.53 -12.19 11.18
C PRO A 199 -20.64 -10.77 11.71
N ALA A 200 -21.88 -10.32 11.92
CA ALA A 200 -22.11 -8.96 12.40
C ALA A 200 -21.40 -8.70 13.72
N SER A 201 -21.37 -9.69 14.61
CA SER A 201 -20.73 -9.48 15.90
C SER A 201 -19.23 -9.25 15.75
N VAL A 202 -18.61 -9.91 14.76
CA VAL A 202 -17.19 -9.72 14.50
C VAL A 202 -16.93 -8.36 13.90
N VAL A 203 -17.80 -7.91 12.99
CA VAL A 203 -17.64 -6.59 12.39
C VAL A 203 -17.68 -5.54 13.49
N GLN A 204 -18.62 -5.68 14.43
N GLN A 204 -18.67 -5.64 14.39
CA GLN A 204 -18.71 -4.73 15.53
CA GLN A 204 -18.85 -4.64 15.43
C GLN A 204 -17.41 -4.68 16.33
C GLN A 204 -17.63 -4.56 16.33
N GLN A 205 -16.89 -5.85 16.72
N GLN A 205 -17.00 -5.69 16.62
CA GLN A 205 -15.64 -5.88 17.48
CA GLN A 205 -15.78 -5.69 17.44
C GLN A 205 -14.51 -5.21 16.73
C GLN A 205 -14.62 -5.05 16.68
N ALA A 206 -14.41 -5.45 15.43
CA ALA A 206 -13.34 -4.84 14.65
C ALA A 206 -13.54 -3.33 14.52
N ARG A 207 -14.77 -2.88 14.27
N ARG A 207 -14.77 -2.86 14.31
CA ARG A 207 -15.03 -1.44 14.23
CA ARG A 207 -15.00 -1.42 14.21
C ARG A 207 -14.65 -0.78 15.54
C ARG A 207 -14.72 -0.72 15.53
N GLN A 208 -15.07 -1.36 16.66
CA GLN A 208 -14.80 -0.76 17.96
C GLN A 208 -13.31 -0.64 18.21
N ARG A 209 -12.53 -1.66 17.81
CA ARG A 209 -11.10 -1.61 18.05
C ARG A 209 -10.40 -0.56 17.20
N ALA A 210 -10.98 -0.18 16.06
CA ALA A 210 -10.37 0.81 15.17
C ALA A 210 -10.88 2.22 15.43
N ALA A 211 -11.83 2.41 16.35
CA ALA A 211 -12.53 3.69 16.46
C ALA A 211 -11.57 4.83 16.83
N ASP A 212 -10.70 4.61 17.82
CA ASP A 212 -9.78 5.68 18.22
C ASP A 212 -8.84 6.05 17.09
N SER A 213 -8.32 5.05 16.38
N SER A 213 -8.31 5.04 16.39
CA SER A 213 -7.41 5.32 15.27
CA SER A 213 -7.41 5.31 15.27
C SER A 213 -8.12 6.06 14.14
C SER A 213 -8.14 6.07 14.17
N LEU A 214 -9.38 5.68 13.86
CA LEU A 214 -10.14 6.39 12.83
C LEU A 214 -10.37 7.83 13.22
N HIS A 215 -10.72 8.08 14.49
CA HIS A 215 -10.95 9.44 14.95
C HIS A 215 -9.71 10.30 14.74
N LYS A 216 -8.54 9.78 15.13
CA LYS A 216 -7.30 10.53 14.95
C LYS A 216 -7.01 10.72 13.47
N ARG A 217 -7.21 9.68 12.67
N ARG A 217 -7.32 9.73 12.64
CA ARG A 217 -6.89 9.74 11.26
CA ARG A 217 -7.07 9.86 11.22
C ARG A 217 -7.76 10.76 10.54
C ARG A 217 -8.05 10.79 10.53
N ARG A 218 -9.00 10.95 11.00
N ARG A 218 -9.24 11.00 11.08
CA ARG A 218 -9.86 11.95 10.39
CA ARG A 218 -10.13 12.02 10.53
C ARG A 218 -9.30 13.35 10.59
C ARG A 218 -9.49 13.41 10.66
N GLU A 219 -8.86 13.67 11.80
CA GLU A 219 -8.21 14.95 12.05
C GLU A 219 -7.03 15.16 11.11
N ILE A 220 -6.18 14.15 10.96
CA ILE A 220 -5.02 14.23 10.07
C ILE A 220 -5.47 14.42 8.63
N THR A 221 -6.50 13.68 8.22
CA THR A 221 -7.00 13.77 6.85
C THR A 221 -7.49 15.18 6.53
N LEU A 222 -8.20 15.81 7.47
CA LEU A 222 -8.69 17.16 7.23
C LEU A 222 -7.54 18.16 7.08
N ARG A 223 -6.49 18.02 7.89
CA ARG A 223 -5.32 18.89 7.71
C ARG A 223 -4.65 18.63 6.36
N ALA A 224 -4.53 17.35 5.97
CA ALA A 224 -3.91 17.04 4.70
C ALA A 224 -4.74 17.60 3.54
N ALA A 225 -6.07 17.51 3.65
CA ALA A 225 -6.95 18.05 2.61
C ALA A 225 -6.84 19.57 2.53
N ALA A 226 -6.64 20.24 3.66
CA ALA A 226 -6.45 21.69 3.64
C ALA A 226 -5.20 22.07 2.86
N ARG A 227 -4.14 21.28 3.00
CA ARG A 227 -2.93 21.57 2.25
C ARG A 227 -3.13 21.38 0.76
N LEU A 228 -3.95 20.39 0.36
CA LEU A 228 -4.25 20.20 -1.05
C LEU A 228 -5.10 21.33 -1.59
N ALA A 229 -5.99 21.89 -0.75
CA ALA A 229 -6.84 22.99 -1.19
C ALA A 229 -6.06 24.26 -1.41
N ALA A 230 -4.84 24.36 -0.86
CA ALA A 230 -3.99 25.52 -1.09
C ALA A 230 -3.15 25.30 -2.33
#